data_6IQH
#
_entry.id   6IQH
#
_cell.length_a   61.082
_cell.length_b   66.988
_cell.length_c   78.336
_cell.angle_alpha   90.00
_cell.angle_beta   106.41
_cell.angle_gamma   90.00
#
_symmetry.space_group_name_H-M   'P 1 21 1'
#
loop_
_entity.id
_entity.type
_entity.pdbx_description
1 polymer 'Immunoglobulin gamma-1 heavy chain'
2 polymer '17-mer peptide (GPDCAYHKGELVWCTFH)'
3 branched 2-acetamido-2-deoxy-beta-D-glucopyranose-(1-2)-alpha-D-mannopyranose-(1-3)-[2-acetamido-2-deoxy-beta-D-glucopyranose-(1-2)-alpha-D-mannopyranose-(1-6)]beta-D-mannopyranose-(1-4)-2-acetamido-2-deoxy-beta-D-glucopyranose-(1-4)-[alpha-L-fucopyranose-(1-6)]2-acetamido-2-deoxy-beta-D-glucopyranose
#
loop_
_entity_poly.entity_id
_entity_poly.type
_entity_poly.pdbx_seq_one_letter_code
_entity_poly.pdbx_strand_id
1 'polypeptide(L)'
;GGPSVFLFPPKPKDTLMISRTPEVTCVVVDVSHEDPEVKFNWYVDGVEVHNAKTKPREEQYNSTYRVVSVLTVLHQDWLN
GKEYKCKVSNKALPAPIEKTISKAKGQPREPQVYTLPPSRDELTKNQVSLTCLVKGFYPSDIAVEWESNGQPENNYKTTP
PVLDSDGSFFLYSKLTVDKSRWQQGNVFSCSVMHEALHNHYTQKSLSLSP
;
A,B
2 'polypeptide(L)' GPDCAYH(A1LWV)GELVWCTFH C,D
#
# COMPACT_ATOMS: atom_id res chain seq x y z
N GLY A 2 3.57 19.55 -24.71
CA GLY A 2 4.00 18.48 -25.60
C GLY A 2 4.66 17.27 -24.93
N PRO A 3 5.99 17.16 -25.02
CA PRO A 3 6.68 16.08 -24.30
C PRO A 3 6.48 16.18 -22.81
N SER A 4 6.86 15.12 -22.11
CA SER A 4 6.64 15.02 -20.67
C SER A 4 7.74 14.15 -20.12
N VAL A 5 8.15 14.32 -18.87
CA VAL A 5 9.34 13.59 -18.47
C VAL A 5 9.32 13.13 -17.03
N PHE A 6 9.84 11.93 -16.77
CA PHE A 6 9.89 11.44 -15.40
C PHE A 6 11.29 11.01 -15.03
N LEU A 7 11.59 11.16 -13.75
CA LEU A 7 12.92 10.85 -13.26
C LEU A 7 12.79 9.77 -12.19
N PHE A 8 13.71 8.83 -12.19
CA PHE A 8 13.53 7.62 -11.39
C PHE A 8 14.79 7.31 -10.61
N PRO A 9 14.63 6.87 -9.35
CA PRO A 9 15.77 6.52 -8.50
C PRO A 9 16.43 5.20 -8.86
N PRO A 10 17.52 4.87 -8.17
CA PRO A 10 18.09 3.54 -8.35
C PRO A 10 17.21 2.49 -7.71
N LYS A 11 17.26 1.24 -8.16
CA LYS A 11 16.63 0.16 -7.41
C LYS A 11 17.27 0.15 -6.03
N PRO A 12 16.45 0.05 -4.97
CA PRO A 12 16.99 -0.04 -3.60
C PRO A 12 18.28 -0.86 -3.50
N LYS A 13 18.17 -2.14 -3.82
CA LYS A 13 19.26 -3.10 -3.80
C LYS A 13 20.43 -2.82 -4.72
N ASP A 14 20.23 -2.03 -5.75
CA ASP A 14 21.33 -1.81 -6.66
C ASP A 14 22.21 -0.76 -6.00
N THR A 15 21.63 -0.03 -5.04
CA THR A 15 22.33 1.12 -4.45
C THR A 15 23.02 0.73 -3.16
N LEU A 16 22.58 -0.39 -2.59
CA LEU A 16 23.02 -0.83 -1.28
C LEU A 16 23.99 -1.99 -1.37
N MET A 17 24.26 -2.46 -2.58
CA MET A 17 25.35 -3.45 -2.68
C MET A 17 26.44 -3.02 -3.64
N ILE A 18 27.68 -3.11 -3.15
CA ILE A 18 28.88 -2.87 -3.94
C ILE A 18 28.96 -3.71 -5.21
N SER A 19 28.47 -4.95 -5.16
CA SER A 19 28.46 -5.85 -6.32
C SER A 19 27.80 -5.22 -7.52
N ARG A 20 26.81 -4.37 -7.25
CA ARG A 20 25.88 -3.88 -8.25
C ARG A 20 26.12 -2.43 -8.54
N THR A 21 25.71 -1.96 -9.73
CA THR A 21 25.86 -0.54 -10.05
C THR A 21 24.55 0.19 -10.37
N PRO A 22 24.05 0.99 -9.40
CA PRO A 22 22.87 1.87 -9.42
C PRO A 22 22.84 2.91 -10.53
N GLU A 23 21.65 3.22 -11.02
CA GLU A 23 21.52 4.20 -12.06
C GLU A 23 20.31 5.08 -11.79
N VAL A 24 20.40 6.33 -12.21
CA VAL A 24 19.25 7.19 -12.22
C VAL A 24 18.79 7.22 -13.69
N THR A 25 17.48 7.27 -13.92
CA THR A 25 16.92 7.11 -15.26
C THR A 25 15.95 8.23 -15.65
N CYS A 26 16.20 8.84 -16.79
CA CYS A 26 15.38 9.96 -17.21
C CYS A 26 14.54 9.58 -18.43
N VAL A 27 13.24 9.47 -18.21
CA VAL A 27 12.35 9.07 -19.25
C VAL A 27 11.56 10.25 -19.76
N VAL A 28 11.59 10.41 -21.08
CA VAL A 28 10.93 11.48 -21.81
C VAL A 28 9.86 10.90 -22.74
N VAL A 29 8.68 10.62 -22.19
CA VAL A 29 7.55 10.11 -22.97
C VAL A 29 6.89 11.15 -23.87
N ASP A 30 6.12 10.70 -24.86
CA ASP A 30 5.39 11.63 -25.70
C ASP A 30 6.23 12.54 -26.58
N VAL A 31 7.48 12.12 -26.84
CA VAL A 31 8.32 12.82 -27.80
C VAL A 31 7.66 12.74 -29.14
N SER A 32 7.62 13.85 -29.87
CA SER A 32 7.11 13.89 -31.25
C SER A 32 7.77 12.86 -32.20
N HIS A 33 7.44 12.89 -33.49
CA HIS A 33 8.34 12.26 -34.46
C HIS A 33 8.77 13.23 -35.54
N GLU A 34 8.03 14.33 -35.71
CA GLU A 34 8.55 15.42 -36.54
C GLU A 34 9.87 15.91 -35.91
N ASP A 35 9.81 16.30 -34.63
CA ASP A 35 11.00 16.78 -33.93
C ASP A 35 11.38 15.85 -32.80
N PRO A 36 11.91 14.66 -33.15
CA PRO A 36 12.18 13.59 -32.18
C PRO A 36 13.43 13.87 -31.38
N GLU A 37 14.24 14.81 -31.85
CA GLU A 37 15.55 15.07 -31.28
C GLU A 37 15.44 15.73 -29.92
N VAL A 38 15.99 15.02 -28.95
CA VAL A 38 15.97 15.39 -27.55
C VAL A 38 17.37 15.53 -27.00
N LYS A 39 17.69 16.66 -26.41
CA LYS A 39 19.00 16.80 -25.83
C LYS A 39 18.93 17.01 -24.32
N PHE A 40 19.89 16.42 -23.60
CA PHE A 40 19.97 16.41 -22.12
C PHE A 40 21.13 17.21 -21.55
N ASN A 41 20.99 17.54 -20.28
CA ASN A 41 22.10 18.02 -19.49
C ASN A 41 21.93 17.40 -18.15
N TRP A 42 22.95 16.71 -17.64
CA TRP A 42 22.82 16.23 -16.28
C TRP A 42 23.55 17.17 -15.31
N TYR A 43 23.00 17.30 -14.10
CA TYR A 43 23.65 18.07 -13.05
C TYR A 43 23.69 17.23 -11.80
N VAL A 44 24.79 17.24 -11.07
CA VAL A 44 24.76 16.61 -9.76
C VAL A 44 25.12 17.72 -8.78
N ASP A 45 24.17 18.09 -7.92
CA ASP A 45 24.28 19.30 -7.12
C ASP A 45 24.80 20.49 -7.93
N GLY A 46 24.06 20.87 -8.98
CA GLY A 46 24.39 22.05 -9.77
C GLY A 46 25.58 21.84 -10.70
N VAL A 47 26.34 20.79 -10.44
CA VAL A 47 27.51 20.46 -11.22
C VAL A 47 27.18 19.56 -12.42
N GLU A 48 27.28 20.11 -13.63
CA GLU A 48 26.99 19.31 -14.83
C GLU A 48 27.98 18.16 -15.03
N VAL A 49 27.45 17.02 -15.47
CA VAL A 49 28.24 15.84 -15.73
C VAL A 49 27.87 15.25 -17.09
N HIS A 50 28.85 14.69 -17.80
CA HIS A 50 28.64 14.29 -19.20
C HIS A 50 28.81 12.81 -19.43
N ASN A 51 29.47 12.16 -18.49
CA ASN A 51 29.52 10.72 -18.53
C ASN A 51 28.16 10.24 -18.09
N ALA A 52 27.31 9.96 -19.10
CA ALA A 52 25.92 9.51 -18.96
C ALA A 52 25.37 9.02 -20.32
N LYS A 53 25.04 7.73 -20.46
CA LYS A 53 24.62 7.08 -21.73
C LYS A 53 23.16 7.38 -22.14
N THR A 54 22.84 7.23 -23.42
CA THR A 54 21.44 7.34 -23.84
C THR A 54 20.95 6.02 -24.43
N LYS A 55 19.84 5.54 -23.89
CA LYS A 55 19.30 4.24 -24.25
C LYS A 55 18.73 4.24 -25.67
N PRO A 56 18.78 3.07 -26.33
CA PRO A 56 18.20 2.96 -27.66
C PRO A 56 16.84 3.63 -27.73
N ARG A 57 16.58 4.41 -28.77
CA ARG A 57 15.31 5.11 -28.92
C ARG A 57 14.22 4.20 -29.44
N GLU A 58 13.26 3.84 -28.58
CA GLU A 58 12.22 2.84 -28.94
C GLU A 58 10.82 3.47 -29.13
N GLU A 59 10.11 3.01 -30.16
CA GLU A 59 8.81 3.56 -30.65
C GLU A 59 7.59 2.96 -29.92
N GLN A 60 6.62 3.81 -29.56
CA GLN A 60 5.64 3.40 -28.57
C GLN A 60 4.35 2.88 -29.18
N TYR A 61 4.13 3.20 -30.44
CA TYR A 61 2.92 2.76 -31.12
C TYR A 61 1.72 3.59 -30.71
N ASN A 62 1.93 4.78 -30.16
CA ASN A 62 0.80 5.64 -29.90
C ASN A 62 1.09 6.99 -30.50
N SER A 63 1.88 6.95 -31.57
CA SER A 63 2.31 8.11 -32.39
C SER A 63 3.38 8.96 -31.70
N THR A 64 3.98 8.41 -30.64
CA THR A 64 5.06 9.07 -29.91
C THR A 64 6.32 8.20 -29.72
N TYR A 65 7.43 8.88 -29.45
CA TYR A 65 8.69 8.21 -29.11
C TYR A 65 8.88 8.26 -27.61
N ARG A 66 9.54 7.23 -27.07
CA ARG A 66 10.04 7.22 -25.71
C ARG A 66 11.55 7.13 -25.76
N VAL A 67 12.20 8.25 -25.45
CA VAL A 67 13.66 8.33 -25.34
C VAL A 67 14.09 8.51 -23.88
N VAL A 68 14.98 7.61 -23.45
CA VAL A 68 15.46 7.58 -22.09
C VAL A 68 16.96 7.92 -22.03
N SER A 69 17.35 8.77 -21.09
CA SER A 69 18.78 8.89 -20.74
C SER A 69 19.04 8.25 -19.41
N VAL A 70 20.18 7.59 -19.27
CA VAL A 70 20.50 7.01 -17.98
C VAL A 70 21.93 7.35 -17.50
N LEU A 71 22.04 7.72 -16.22
CA LEU A 71 23.28 8.23 -15.62
C LEU A 71 23.78 7.45 -14.40
N THR A 72 24.85 6.66 -14.57
CA THR A 72 25.49 5.99 -13.44
C THR A 72 25.64 6.95 -12.25
N VAL A 73 25.38 6.47 -11.05
CA VAL A 73 25.63 7.29 -9.87
C VAL A 73 26.54 6.46 -8.97
N LEU A 74 26.85 6.99 -7.79
CA LEU A 74 27.72 6.30 -6.85
C LEU A 74 26.98 5.88 -5.57
N HIS A 75 27.11 4.62 -5.18
CA HIS A 75 26.55 4.17 -3.90
C HIS A 75 26.89 5.24 -2.89
N GLN A 76 28.20 5.43 -2.67
CA GLN A 76 28.73 6.39 -1.69
C GLN A 76 27.88 7.66 -1.64
N ASP A 77 27.67 8.30 -2.77
CA ASP A 77 27.10 9.63 -2.73
C ASP A 77 25.64 9.73 -3.22
N TRP A 78 24.94 8.59 -3.41
CA TRP A 78 23.48 8.64 -3.43
C TRP A 78 23.01 8.62 -1.96
N LEU A 79 23.38 7.59 -1.23
CA LEU A 79 22.98 7.51 0.16
C LEU A 79 23.31 8.77 0.98
N ASN A 80 24.24 9.57 0.52
CA ASN A 80 24.63 10.74 1.27
C ASN A 80 23.70 11.89 1.02
N GLY A 81 23.26 12.05 -0.21
CA GLY A 81 22.16 12.96 -0.41
C GLY A 81 22.29 13.81 -1.62
N LYS A 82 23.33 13.56 -2.43
CA LYS A 82 23.56 14.40 -3.61
C LYS A 82 22.24 14.48 -4.40
N GLU A 83 21.97 15.65 -4.97
CA GLU A 83 20.71 15.87 -5.67
C GLU A 83 20.87 15.78 -7.20
N TYR A 84 20.53 14.63 -7.76
CA TYR A 84 20.58 14.44 -9.21
C TYR A 84 19.46 15.16 -9.95
N LYS A 85 19.82 15.76 -11.07
CA LYS A 85 18.90 16.55 -11.84
C LYS A 85 19.17 16.32 -13.31
N CYS A 86 18.14 15.82 -13.99
CA CYS A 86 18.09 15.64 -15.44
C CYS A 86 17.97 17.03 -16.07
N LYS A 87 17.57 17.13 -17.34
CA LYS A 87 17.15 18.42 -17.96
C LYS A 87 16.82 18.30 -19.44
N VAL A 88 15.57 17.99 -19.75
CA VAL A 88 15.17 17.80 -21.13
C VAL A 88 14.93 19.11 -21.86
N SER A 89 15.41 19.19 -23.11
CA SER A 89 14.98 20.23 -24.05
C SER A 89 14.61 19.61 -25.42
N ASN A 90 13.52 20.10 -26.01
CA ASN A 90 13.01 19.58 -27.26
C ASN A 90 12.42 20.71 -28.06
N LYS A 91 12.42 20.58 -29.37
CA LYS A 91 11.91 21.64 -30.22
C LYS A 91 10.42 21.80 -29.98
N ALA A 92 9.76 20.73 -29.57
CA ALA A 92 8.33 20.82 -29.30
C ALA A 92 8.02 21.27 -27.89
N LEU A 93 8.56 22.41 -27.45
CA LEU A 93 8.68 22.67 -26.02
C LEU A 93 9.17 24.09 -25.73
N PRO A 94 8.34 24.91 -25.06
CA PRO A 94 8.78 26.30 -24.93
C PRO A 94 10.11 26.41 -24.16
N ALA A 95 10.17 25.83 -22.97
CA ALA A 95 11.43 25.91 -22.23
C ALA A 95 11.86 24.56 -21.76
N PRO A 96 13.15 24.44 -21.47
CA PRO A 96 13.61 23.15 -20.95
C PRO A 96 12.84 22.79 -19.66
N ILE A 97 12.42 21.53 -19.55
CA ILE A 97 11.79 21.01 -18.33
C ILE A 97 12.82 20.42 -17.37
N GLU A 98 12.65 20.64 -16.07
CA GLU A 98 13.44 19.86 -15.15
C GLU A 98 12.80 19.47 -13.83
N LYS A 99 13.15 18.25 -13.41
CA LYS A 99 12.90 17.70 -12.11
C LYS A 99 14.22 17.12 -11.54
N THR A 100 14.23 16.95 -10.24
CA THR A 100 15.45 16.70 -9.53
C THR A 100 15.12 15.56 -8.57
N ILE A 101 15.76 14.40 -8.72
CA ILE A 101 15.44 13.29 -7.84
C ILE A 101 16.55 13.06 -6.83
N SER A 102 16.35 13.55 -5.61
CA SER A 102 17.26 13.23 -4.50
C SER A 102 16.74 11.94 -3.88
N LYS A 103 17.09 11.68 -2.63
CA LYS A 103 16.50 10.55 -1.91
C LYS A 103 15.48 11.05 -0.93
N ALA A 104 15.56 10.57 0.31
CA ALA A 104 14.63 10.99 1.32
C ALA A 104 15.33 11.86 2.37
N LYS A 105 15.06 13.18 2.32
CA LYS A 105 15.65 14.06 3.30
C LYS A 105 15.08 13.61 4.64
N GLY A 106 15.99 13.08 5.45
CA GLY A 106 15.69 12.70 6.82
C GLY A 106 16.82 11.85 7.34
N GLN A 107 17.22 12.06 8.59
CA GLN A 107 18.21 11.17 9.23
C GLN A 107 17.96 9.71 8.87
N PRO A 108 18.99 9.04 8.39
CA PRO A 108 18.84 7.59 8.46
C PRO A 108 18.65 7.04 9.89
N ARG A 109 17.61 6.19 9.99
CA ARG A 109 17.25 5.38 11.16
C ARG A 109 17.13 3.85 10.78
N GLU A 110 17.80 2.96 11.51
CA GLU A 110 17.90 1.55 11.11
C GLU A 110 16.70 0.66 11.46
N PRO A 111 16.49 -0.39 10.66
CA PRO A 111 15.29 -1.17 10.90
C PRO A 111 15.56 -2.30 11.88
N GLN A 112 14.60 -2.54 12.80
CA GLN A 112 14.55 -3.78 13.58
C GLN A 112 13.77 -4.80 12.85
N VAL A 113 14.31 -6.00 12.91
CA VAL A 113 13.75 -7.14 12.24
C VAL A 113 13.18 -8.11 13.27
N TYR A 114 12.03 -8.71 12.97
CA TYR A 114 11.49 -9.65 13.92
C TYR A 114 10.73 -10.78 13.23
N THR A 115 11.07 -11.98 13.63
CA THR A 115 10.54 -13.18 13.01
C THR A 115 9.48 -13.71 13.96
N LEU A 116 8.23 -13.68 13.51
CA LEU A 116 7.10 -14.08 14.34
C LEU A 116 6.60 -15.39 13.81
N PRO A 117 6.78 -16.48 14.57
CA PRO A 117 6.36 -17.83 14.15
C PRO A 117 4.86 -17.87 13.79
N PRO A 118 4.44 -18.91 13.04
CA PRO A 118 3.00 -18.99 12.72
C PRO A 118 2.17 -19.23 13.97
N SER A 119 0.97 -18.67 13.97
CA SER A 119 0.10 -18.75 15.13
C SER A 119 -0.22 -20.19 15.55
N ARG A 120 -0.27 -20.42 16.86
CA ARG A 120 -0.70 -21.70 17.39
C ARG A 120 -1.94 -22.18 16.65
N ASP A 121 -2.83 -21.26 16.30
CA ASP A 121 -4.11 -21.65 15.74
C ASP A 121 -3.99 -21.99 14.27
N GLU A 122 -2.78 -22.02 13.75
CA GLU A 122 -2.65 -22.23 12.33
C GLU A 122 -1.80 -23.45 11.96
N LEU A 123 -1.98 -24.55 12.68
CA LEU A 123 -1.23 -25.76 12.37
C LEU A 123 -2.20 -26.78 11.78
N THR A 124 -3.47 -26.40 11.81
CA THR A 124 -4.51 -27.17 11.16
C THR A 124 -4.33 -27.05 9.65
N LYS A 125 -4.20 -25.80 9.18
CA LYS A 125 -4.08 -25.51 7.75
C LYS A 125 -2.96 -26.32 7.05
N ASN A 126 -3.16 -26.61 5.76
CA ASN A 126 -2.14 -27.20 4.92
C ASN A 126 -0.83 -26.41 4.89
N GLN A 127 -0.90 -25.08 4.98
CA GLN A 127 0.28 -24.22 4.92
C GLN A 127 0.25 -23.22 6.07
N VAL A 128 1.43 -22.81 6.55
CA VAL A 128 1.54 -21.89 7.68
C VAL A 128 2.29 -20.64 7.30
N SER A 129 2.05 -19.56 8.02
CA SER A 129 2.61 -18.31 7.56
C SER A 129 3.73 -17.91 8.46
N LEU A 130 4.86 -17.60 7.86
CA LEU A 130 6.00 -17.10 8.62
C LEU A 130 6.04 -15.61 8.41
N THR A 131 6.30 -14.89 9.50
CA THR A 131 6.14 -13.46 9.53
C THR A 131 7.48 -12.75 9.75
N CYS A 132 7.69 -11.67 9.00
CA CYS A 132 8.82 -10.81 9.24
C CYS A 132 8.37 -9.38 9.49
N LEU A 133 8.49 -8.94 10.74
CA LEU A 133 8.18 -7.58 11.13
C LEU A 133 9.40 -6.66 11.01
N VAL A 134 9.36 -5.72 10.08
CA VAL A 134 10.47 -4.79 9.91
C VAL A 134 10.00 -3.44 10.33
N LYS A 135 10.57 -2.90 11.39
CA LYS A 135 9.99 -1.74 12.06
C LYS A 135 11.05 -0.67 12.38
N GLY A 136 10.69 0.59 12.20
CA GLY A 136 11.54 1.67 12.70
C GLY A 136 12.71 2.10 11.84
N PHE A 137 12.57 1.93 10.53
CA PHE A 137 13.56 2.44 9.60
C PHE A 137 13.13 3.70 8.84
N TYR A 138 14.12 4.55 8.59
CA TYR A 138 13.99 5.67 7.66
C TYR A 138 15.28 5.72 6.86
N PRO A 139 15.23 6.07 5.56
CA PRO A 139 14.11 6.31 4.64
C PRO A 139 13.38 5.00 4.36
N SER A 140 12.27 5.00 3.63
CA SER A 140 11.57 3.71 3.41
C SER A 140 12.13 2.87 2.28
N ASP A 141 13.09 3.39 1.50
CA ASP A 141 13.87 2.57 0.53
C ASP A 141 14.44 1.27 1.16
N ILE A 142 13.95 0.10 0.73
CA ILE A 142 14.41 -1.14 1.37
C ILE A 142 14.22 -2.38 0.48
N ALA A 143 14.97 -3.44 0.81
CA ALA A 143 14.84 -4.75 0.15
C ALA A 143 14.69 -5.85 1.19
N VAL A 144 13.78 -6.80 0.90
CA VAL A 144 13.46 -7.88 1.82
C VAL A 144 13.21 -9.14 1.06
N GLU A 145 13.81 -10.22 1.56
CA GLU A 145 13.71 -11.56 0.99
C GLU A 145 13.72 -12.65 2.03
N TRP A 146 13.51 -13.86 1.56
CA TRP A 146 13.37 -15.00 2.42
C TRP A 146 14.22 -16.10 1.88
N GLU A 147 15.03 -16.71 2.73
CA GLU A 147 15.84 -17.86 2.36
C GLU A 147 15.72 -19.00 3.35
N SER A 148 16.17 -20.18 2.94
CA SER A 148 16.26 -21.32 3.83
C SER A 148 17.42 -22.19 3.41
N ASN A 149 18.16 -22.70 4.38
CA ASN A 149 19.31 -23.51 4.07
C ASN A 149 19.93 -23.05 2.75
N GLY A 150 20.44 -21.83 2.71
CA GLY A 150 21.14 -21.32 1.54
C GLY A 150 20.30 -21.11 0.29
N GLN A 151 19.05 -21.53 0.37
CA GLN A 151 18.18 -21.54 -0.80
C GLN A 151 17.07 -20.47 -0.72
N PRO A 152 16.78 -19.79 -1.84
CA PRO A 152 15.88 -18.64 -1.89
C PRO A 152 14.38 -18.91 -1.81
N GLU A 153 13.90 -19.47 -0.71
CA GLU A 153 12.45 -19.51 -0.45
C GLU A 153 11.61 -18.52 -1.23
N ASN A 154 10.54 -19.08 -1.77
CA ASN A 154 9.81 -18.51 -2.90
C ASN A 154 8.49 -17.86 -2.53
N ASN A 155 7.42 -18.66 -2.49
CA ASN A 155 6.11 -18.04 -2.32
C ASN A 155 6.00 -17.24 -1.03
N TYR A 156 6.57 -16.04 -1.04
CA TYR A 156 6.31 -15.03 -0.04
C TYR A 156 5.71 -13.75 -0.67
N LYS A 157 5.43 -12.75 0.18
CA LYS A 157 4.72 -11.56 -0.26
C LYS A 157 4.91 -10.43 0.78
N THR A 158 5.28 -9.23 0.34
CA THR A 158 5.68 -8.17 1.30
C THR A 158 4.91 -6.84 1.20
N THR A 159 4.12 -6.55 2.22
CA THR A 159 3.38 -5.29 2.27
C THR A 159 4.26 -4.10 1.86
N PRO A 160 3.61 -3.00 1.40
CA PRO A 160 4.41 -1.81 1.08
C PRO A 160 4.81 -1.06 2.35
N PRO A 161 5.84 -0.21 2.27
CA PRO A 161 6.19 0.57 3.47
C PRO A 161 5.04 1.41 3.91
N VAL A 162 4.68 1.46 5.18
CA VAL A 162 3.67 2.44 5.59
C VAL A 162 4.12 3.33 6.76
N LEU A 163 3.87 4.63 6.64
CA LEU A 163 4.34 5.62 7.63
C LEU A 163 3.75 5.30 9.01
N ASP A 164 4.57 5.46 10.03
CA ASP A 164 4.31 4.84 11.31
C ASP A 164 4.36 5.77 12.53
N SER A 165 3.93 7.02 12.41
CA SER A 165 3.56 7.71 13.64
C SER A 165 4.68 8.51 14.36
N ASP A 166 5.87 7.94 14.44
CA ASP A 166 6.99 8.71 14.97
C ASP A 166 8.02 8.92 13.88
N GLY A 167 7.52 9.02 12.66
CA GLY A 167 8.31 9.48 11.53
C GLY A 167 8.83 8.30 10.76
N SER A 168 8.99 7.17 11.45
CA SER A 168 9.64 6.01 10.88
C SER A 168 8.76 5.23 9.90
N PHE A 169 9.32 4.14 9.38
CA PHE A 169 8.60 3.29 8.43
C PHE A 169 8.66 1.84 8.85
N PHE A 170 7.69 1.07 8.36
CA PHE A 170 7.63 -0.37 8.63
C PHE A 170 6.89 -1.17 7.54
N LEU A 171 7.25 -2.42 7.37
CA LEU A 171 6.48 -3.30 6.48
C LEU A 171 6.40 -4.68 7.09
N TYR A 172 5.52 -5.52 6.57
CA TYR A 172 5.63 -6.92 6.88
C TYR A 172 5.97 -7.72 5.62
N SER A 173 6.33 -8.97 5.82
CA SER A 173 6.56 -9.89 4.74
C SER A 173 6.13 -11.27 5.19
N LYS A 174 5.22 -11.89 4.44
CA LYS A 174 4.69 -13.18 4.82
C LYS A 174 5.36 -14.22 3.95
N LEU A 175 6.03 -15.18 4.57
CA LEU A 175 6.41 -16.37 3.81
C LEU A 175 5.39 -17.49 4.04
N THR A 176 5.01 -18.13 2.94
CA THR A 176 4.15 -19.29 3.01
C THR A 176 4.92 -20.58 2.65
N VAL A 177 5.09 -21.43 3.67
CA VAL A 177 5.70 -22.75 3.60
C VAL A 177 4.69 -23.89 3.81
N ASP A 178 5.09 -25.13 3.58
CA ASP A 178 4.20 -26.24 3.91
C ASP A 178 4.33 -26.64 5.38
N LYS A 179 3.20 -26.86 6.05
CA LYS A 179 3.22 -27.20 7.48
C LYS A 179 4.28 -28.26 7.78
N SER A 180 4.44 -29.20 6.85
CA SER A 180 5.49 -30.21 6.90
C SER A 180 6.87 -29.60 7.04
N ARG A 181 7.39 -28.97 5.98
CA ARG A 181 8.66 -28.29 6.09
C ARG A 181 8.85 -27.65 7.45
N TRP A 182 7.87 -26.86 7.91
CA TRP A 182 7.98 -26.15 9.19
C TRP A 182 8.33 -27.06 10.36
N GLN A 183 7.59 -28.16 10.48
CA GLN A 183 7.72 -29.05 11.63
C GLN A 183 8.98 -29.92 11.57
N GLN A 184 9.54 -30.08 10.37
CA GLN A 184 10.87 -30.67 10.21
C GLN A 184 11.89 -29.87 11.02
N GLY A 185 11.65 -28.57 11.12
CA GLY A 185 12.53 -27.68 11.84
C GLY A 185 13.55 -26.97 10.98
N ASN A 186 13.30 -26.84 9.67
CA ASN A 186 14.18 -26.07 8.83
C ASN A 186 14.21 -24.64 9.32
N VAL A 187 15.36 -23.96 9.23
CA VAL A 187 15.40 -22.53 9.52
C VAL A 187 15.15 -21.73 8.24
N PHE A 188 14.36 -20.67 8.39
CA PHE A 188 13.97 -19.78 7.30
C PHE A 188 14.42 -18.43 7.69
N SER A 189 15.16 -17.74 6.83
CA SER A 189 15.65 -16.45 7.23
C SER A 189 15.06 -15.34 6.40
N CYS A 190 14.73 -14.27 7.11
CA CYS A 190 14.28 -12.99 6.59
C CYS A 190 15.46 -12.05 6.30
N SER A 191 15.73 -11.74 5.04
CA SER A 191 16.94 -10.95 4.75
C SER A 191 16.64 -9.54 4.27
N VAL A 192 17.30 -8.58 4.90
CA VAL A 192 16.85 -7.18 4.94
C VAL A 192 18.00 -6.24 4.56
N MET A 193 17.88 -5.45 3.50
CA MET A 193 18.96 -4.50 3.17
C MET A 193 18.52 -3.03 3.33
N HIS A 194 19.34 -2.24 4.02
CA HIS A 194 19.01 -0.82 4.25
C HIS A 194 20.25 0.04 4.41
N GLU A 195 20.17 1.29 3.99
CA GLU A 195 21.37 2.10 4.15
C GLU A 195 21.78 2.22 5.62
N ALA A 196 20.84 2.07 6.54
CA ALA A 196 21.15 2.32 7.95
C ALA A 196 21.42 1.02 8.69
N LEU A 197 21.83 0.00 7.95
CA LEU A 197 22.20 -1.23 8.58
C LEU A 197 23.71 -1.34 8.63
N HIS A 198 24.26 -2.05 9.62
CA HIS A 198 25.69 -2.35 9.53
C HIS A 198 26.03 -3.19 8.31
N ASN A 199 26.76 -2.62 7.37
CA ASN A 199 27.07 -3.33 6.14
C ASN A 199 25.82 -3.51 5.31
N HIS A 200 24.81 -2.68 5.58
CA HIS A 200 23.54 -2.63 4.81
C HIS A 200 22.68 -3.88 4.89
N TYR A 201 23.06 -4.83 5.74
CA TYR A 201 22.49 -6.18 5.66
C TYR A 201 22.29 -6.75 7.03
N THR A 202 21.11 -7.30 7.24
CA THR A 202 20.96 -8.22 8.33
C THR A 202 19.94 -9.29 7.97
N GLN A 203 19.92 -10.32 8.78
CA GLN A 203 19.28 -11.55 8.39
C GLN A 203 18.80 -12.11 9.69
N LYS A 204 17.52 -12.45 9.79
CA LYS A 204 17.05 -12.99 11.05
C LYS A 204 16.42 -14.35 10.81
N SER A 205 16.39 -15.19 11.85
CA SER A 205 16.11 -16.61 11.66
C SER A 205 14.79 -17.00 12.31
N LEU A 206 14.29 -18.16 11.93
CA LEU A 206 12.93 -18.57 12.27
C LEU A 206 12.78 -20.07 12.05
N SER A 207 12.43 -20.79 13.12
CA SER A 207 12.25 -22.23 13.01
C SER A 207 11.71 -22.86 14.28
N LEU A 208 11.05 -24.00 14.11
CA LEU A 208 10.60 -24.83 15.22
C LEU A 208 11.63 -24.91 16.36
N ASP B 3 35.78 -7.02 7.46
CA ASP B 3 34.95 -8.15 7.01
C ASP B 3 33.62 -7.63 6.47
N CYS B 4 32.97 -8.48 5.67
CA CYS B 4 31.98 -8.02 4.72
C CYS B 4 30.65 -8.75 4.76
N ALA B 5 29.61 -8.08 4.25
CA ALA B 5 28.27 -8.65 4.20
C ALA B 5 27.97 -9.29 2.84
N TYR B 6 27.44 -10.51 2.86
CA TYR B 6 27.07 -11.16 1.62
C TYR B 6 25.61 -11.58 1.57
N HIS B 7 25.01 -11.38 0.40
CA HIS B 7 23.65 -11.77 0.17
C HIS B 7 23.69 -12.63 -1.04
N GLY B 9 25.65 -14.81 -1.67
CA GLY B 9 27.04 -14.77 -2.08
C GLY B 9 27.45 -13.60 -2.98
N GLU B 10 26.74 -12.48 -2.98
CA GLU B 10 27.13 -11.34 -3.80
C GLU B 10 27.52 -10.18 -2.91
N LEU B 11 28.78 -9.81 -2.91
CA LEU B 11 29.23 -8.68 -2.10
C LEU B 11 28.20 -7.52 -1.90
N VAL B 12 27.76 -7.30 -0.66
CA VAL B 12 26.96 -6.11 -0.34
C VAL B 12 27.79 -4.87 -0.01
N TRP B 13 28.55 -5.00 1.06
CA TRP B 13 29.24 -3.88 1.67
C TRP B 13 30.14 -4.36 2.75
N CYS B 14 31.30 -3.73 2.83
CA CYS B 14 32.34 -4.13 3.74
C CYS B 14 32.72 -3.02 4.67
N THR B 15 33.21 -3.40 5.85
CA THR B 15 33.61 -2.44 6.86
C THR B 15 34.78 -2.92 7.75
N GLY C 2 -16.25 18.87 -19.74
CA GLY C 2 -16.76 19.77 -18.72
C GLY C 2 -16.65 19.18 -17.33
N PRO C 3 -17.79 19.03 -16.63
CA PRO C 3 -17.77 18.29 -15.36
C PRO C 3 -17.18 16.88 -15.51
N SER C 4 -16.70 16.33 -14.39
CA SER C 4 -16.14 14.98 -14.31
C SER C 4 -16.75 14.28 -13.12
N VAL C 5 -17.35 13.11 -13.26
CA VAL C 5 -18.04 12.57 -12.09
C VAL C 5 -17.28 11.41 -11.50
N PHE C 6 -17.51 11.16 -10.19
CA PHE C 6 -16.90 10.04 -9.49
C PHE C 6 -17.85 9.31 -8.57
N LEU C 7 -18.03 8.02 -8.85
CA LEU C 7 -18.90 7.17 -8.05
C LEU C 7 -18.12 6.47 -6.92
N PHE C 8 -18.66 6.48 -5.70
CA PHE C 8 -17.94 5.99 -4.53
C PHE C 8 -18.70 4.96 -3.73
N PRO C 9 -18.03 3.89 -3.32
CA PRO C 9 -18.68 2.89 -2.48
C PRO C 9 -18.91 3.43 -1.08
N PRO C 10 -19.60 2.68 -0.25
CA PRO C 10 -19.73 3.14 1.12
C PRO C 10 -18.69 2.48 2.00
N LYS C 11 -18.43 3.01 3.20
CA LYS C 11 -17.40 2.43 4.07
C LYS C 11 -17.77 1.01 4.42
N PRO C 12 -16.79 0.11 4.38
CA PRO C 12 -16.99 -1.27 4.79
C PRO C 12 -17.37 -1.45 6.28
N LYS C 13 -17.53 -0.37 7.03
CA LYS C 13 -18.07 -0.49 8.37
C LYS C 13 -19.57 -0.30 8.27
N ASP C 14 -19.97 0.44 7.25
CA ASP C 14 -21.35 0.86 7.08
C ASP C 14 -22.17 -0.22 6.38
N THR C 15 -21.51 -1.05 5.59
CA THR C 15 -22.18 -2.13 4.89
C THR C 15 -22.28 -3.39 5.75
N LEU C 16 -21.42 -3.48 6.77
CA LEU C 16 -21.28 -4.70 7.54
C LEU C 16 -21.91 -4.57 8.88
N MET C 17 -22.37 -3.37 9.19
CA MET C 17 -22.99 -3.18 10.49
C MET C 17 -24.45 -2.75 10.32
N ILE C 18 -25.35 -3.59 10.79
CA ILE C 18 -26.78 -3.32 10.70
C ILE C 18 -27.17 -2.08 11.45
N SER C 19 -26.29 -1.61 12.35
CA SER C 19 -26.50 -0.34 13.04
C SER C 19 -26.28 0.77 12.07
N ARG C 20 -25.26 0.64 11.22
CA ARG C 20 -24.83 1.76 10.40
C ARG C 20 -25.76 1.91 9.20
N THR C 21 -25.47 2.82 8.29
CA THR C 21 -26.32 2.96 7.10
C THR C 21 -25.54 3.42 5.85
N PRO C 22 -25.09 2.45 5.04
CA PRO C 22 -24.31 2.51 3.80
C PRO C 22 -24.86 3.44 2.72
N GLU C 23 -23.99 4.16 2.03
CA GLU C 23 -24.43 5.11 1.01
C GLU C 23 -23.50 5.10 -0.19
N VAL C 24 -24.09 5.11 -1.37
CA VAL C 24 -23.33 5.35 -2.58
C VAL C 24 -23.26 6.86 -2.73
N THR C 25 -22.11 7.38 -3.13
CA THR C 25 -21.96 8.83 -3.23
C THR C 25 -21.47 9.22 -4.63
N CYS C 26 -22.27 10.03 -5.32
CA CYS C 26 -21.94 10.38 -6.69
C CYS C 26 -21.54 11.84 -6.72
N VAL C 27 -20.24 12.05 -6.88
CA VAL C 27 -19.61 13.36 -6.86
C VAL C 27 -19.33 13.93 -8.24
N VAL C 28 -19.97 15.05 -8.55
CA VAL C 28 -19.74 15.75 -9.79
C VAL C 28 -18.88 16.97 -9.50
N VAL C 29 -17.62 16.92 -9.87
CA VAL C 29 -16.73 18.03 -9.54
C VAL C 29 -16.42 18.82 -10.80
N ASP C 30 -15.72 19.92 -10.65
CA ASP C 30 -15.46 20.74 -11.81
C ASP C 30 -16.77 21.27 -12.39
N VAL C 31 -17.81 21.44 -11.56
CA VAL C 31 -19.09 21.92 -12.13
C VAL C 31 -18.94 23.38 -12.48
N SER C 32 -19.49 23.77 -13.63
CA SER C 32 -19.37 25.12 -14.14
C SER C 32 -19.90 26.14 -13.14
N HIS C 33 -19.55 27.41 -13.31
CA HIS C 33 -20.18 28.49 -12.54
C HIS C 33 -21.45 29.00 -13.27
N GLU C 34 -21.26 29.34 -14.56
CA GLU C 34 -22.32 29.59 -15.54
C GLU C 34 -22.91 28.27 -16.04
N ASP C 35 -23.79 27.66 -15.23
CA ASP C 35 -24.50 26.42 -15.55
C ASP C 35 -24.14 25.30 -14.61
N PRO C 36 -24.68 25.40 -13.39
CA PRO C 36 -24.38 24.56 -12.24
C PRO C 36 -25.50 23.60 -11.94
N GLU C 37 -26.39 23.41 -12.92
CA GLU C 37 -27.56 22.58 -12.69
C GLU C 37 -27.18 21.18 -13.07
N VAL C 38 -27.32 20.28 -12.10
CA VAL C 38 -27.01 18.88 -12.35
C VAL C 38 -28.22 17.98 -12.09
N LYS C 39 -28.51 17.09 -13.03
CA LYS C 39 -29.56 16.09 -12.87
C LYS C 39 -28.93 14.68 -12.62
N PHE C 40 -29.39 14.00 -11.57
CA PHE C 40 -28.95 12.65 -11.26
C PHE C 40 -30.12 11.68 -11.44
N ASN C 41 -30.10 10.90 -12.51
CA ASN C 41 -30.90 9.69 -12.52
C ASN C 41 -30.10 8.61 -11.82
N TRP C 42 -30.76 7.76 -11.05
CA TRP C 42 -30.10 6.61 -10.43
C TRP C 42 -30.70 5.26 -10.91
N TYR C 43 -29.87 4.21 -10.90
CA TYR C 43 -30.30 2.90 -11.36
C TYR C 43 -29.71 1.81 -10.50
N VAL C 44 -30.54 0.95 -9.93
CA VAL C 44 -29.99 -0.13 -9.14
C VAL C 44 -30.10 -1.46 -9.89
N ASP C 45 -29.40 -1.57 -11.01
CA ASP C 45 -29.47 -2.79 -11.79
C ASP C 45 -30.39 -2.60 -12.94
N GLY C 46 -30.32 -1.44 -13.55
CA GLY C 46 -31.26 -1.07 -14.58
C GLY C 46 -32.46 -0.40 -13.97
N VAL C 47 -32.88 -0.83 -12.77
CA VAL C 47 -34.01 -0.22 -12.07
C VAL C 47 -33.69 1.19 -11.64
N GLU C 48 -34.42 2.16 -12.19
CA GLU C 48 -34.34 3.51 -11.65
C GLU C 48 -35.00 3.63 -10.28
N VAL C 49 -34.27 4.22 -9.36
CA VAL C 49 -34.75 4.45 -8.02
C VAL C 49 -34.66 5.95 -7.73
N HIS C 50 -35.48 6.43 -6.79
CA HIS C 50 -35.64 7.90 -6.53
C HIS C 50 -35.54 8.25 -5.06
N ASN C 51 -35.08 7.32 -4.22
CA ASN C 51 -34.80 7.74 -2.90
C ASN C 51 -33.33 8.06 -2.80
N ALA C 52 -32.92 9.15 -3.46
CA ALA C 52 -31.60 9.71 -3.26
C ALA C 52 -31.68 11.24 -3.13
N LYS C 53 -30.93 11.80 -2.17
CA LYS C 53 -30.96 13.23 -1.84
C LYS C 53 -29.75 13.98 -2.43
N THR C 54 -29.88 15.28 -2.67
CA THR C 54 -28.71 16.07 -3.06
C THR C 54 -28.15 16.88 -1.90
N LYS C 55 -26.83 16.73 -1.68
CA LYS C 55 -26.12 17.42 -0.60
C LYS C 55 -25.80 18.89 -0.99
N PRO C 56 -25.57 19.75 0.03
CA PRO C 56 -25.61 21.17 -0.30
C PRO C 56 -24.49 21.63 -1.28
N ARG C 57 -24.91 22.38 -2.31
CA ARG C 57 -24.05 23.09 -3.30
C ARG C 57 -22.83 23.68 -2.63
N GLU C 58 -21.64 23.58 -3.25
CA GLU C 58 -20.42 24.28 -2.73
C GLU C 58 -19.50 24.84 -3.79
N GLU C 59 -18.75 25.91 -3.49
CA GLU C 59 -17.96 26.54 -4.55
C GLU C 59 -16.54 25.99 -4.69
N GLN C 60 -15.81 25.79 -3.60
CA GLN C 60 -14.52 25.10 -3.72
C GLN C 60 -13.32 26.08 -3.85
N TYR C 61 -13.52 27.15 -4.63
CA TYR C 61 -12.60 28.28 -4.60
C TYR C 61 -11.71 28.34 -5.85
N ASN C 62 -11.87 27.35 -6.71
CA ASN C 62 -11.13 27.33 -7.97
C ASN C 62 -12.09 27.50 -9.13
N SER C 63 -13.09 28.36 -8.91
CA SER C 63 -14.13 28.77 -9.87
C SER C 63 -15.05 27.65 -10.39
N THR C 64 -15.10 26.52 -9.69
CA THR C 64 -16.00 25.42 -10.02
C THR C 64 -16.81 24.95 -8.82
N TYR C 65 -18.09 24.67 -9.04
CA TYR C 65 -18.90 24.01 -8.03
C TYR C 65 -18.55 22.51 -7.88
N ARG C 66 -18.77 22.00 -6.69
CA ARG C 66 -18.79 20.58 -6.48
C ARG C 66 -20.20 20.19 -6.03
N VAL C 67 -20.85 19.32 -6.81
CA VAL C 67 -22.22 18.85 -6.56
C VAL C 67 -22.27 17.36 -6.25
N VAL C 68 -22.88 16.99 -5.13
CA VAL C 68 -22.86 15.60 -4.69
C VAL C 68 -24.28 15.01 -4.50
N SER C 69 -24.56 13.85 -5.07
CA SER C 69 -25.81 13.16 -4.78
C SER C 69 -25.55 11.91 -3.98
N VAL C 70 -26.09 11.83 -2.78
CA VAL C 70 -25.95 10.60 -2.01
C VAL C 70 -27.18 9.63 -2.10
N LEU C 71 -26.90 8.33 -2.25
CA LEU C 71 -27.95 7.30 -2.33
C LEU C 71 -27.86 6.25 -1.21
N THR C 72 -28.91 6.11 -0.41
CA THR C 72 -28.96 5.03 0.55
C THR C 72 -28.85 3.70 -0.17
N VAL C 73 -28.23 2.71 0.46
CA VAL C 73 -28.39 1.38 -0.07
C VAL C 73 -28.79 0.41 1.06
N LEU C 74 -29.48 -0.67 0.68
CA LEU C 74 -29.68 -1.82 1.55
C LEU C 74 -28.38 -2.65 1.72
N HIS C 75 -27.87 -2.79 2.95
CA HIS C 75 -26.73 -3.68 3.20
C HIS C 75 -26.86 -4.91 2.28
N GLN C 76 -27.87 -5.74 2.53
CA GLN C 76 -28.11 -6.95 1.74
C GLN C 76 -27.77 -6.74 0.26
N ASP C 77 -28.34 -5.71 -0.37
CA ASP C 77 -28.16 -5.42 -1.82
C ASP C 77 -26.71 -5.24 -2.24
N TRP C 78 -25.96 -4.46 -1.48
CA TRP C 78 -24.61 -4.12 -1.87
C TRP C 78 -23.81 -5.38 -1.68
N LEU C 79 -23.92 -5.97 -0.49
CA LEU C 79 -23.15 -7.18 -0.20
C LEU C 79 -23.43 -8.34 -1.16
N ASN C 80 -24.41 -8.23 -2.05
CA ASN C 80 -24.66 -9.32 -2.99
C ASN C 80 -24.08 -9.05 -4.35
N GLY C 81 -24.29 -7.87 -4.91
CA GLY C 81 -23.46 -7.49 -6.04
C GLY C 81 -24.17 -6.62 -7.03
N LYS C 82 -25.23 -5.98 -6.57
CA LYS C 82 -26.05 -5.11 -7.40
C LYS C 82 -25.25 -3.93 -7.95
N GLU C 83 -25.29 -3.76 -9.27
CA GLU C 83 -24.65 -2.63 -9.98
C GLU C 83 -25.46 -1.37 -9.71
N TYR C 84 -24.82 -0.38 -9.08
CA TYR C 84 -25.38 0.95 -8.91
C TYR C 84 -24.86 1.87 -10.00
N LYS C 85 -25.79 2.58 -10.60
CA LYS C 85 -25.47 3.43 -11.72
C LYS C 85 -25.91 4.83 -11.31
N CYS C 86 -25.12 5.81 -11.69
CA CYS C 86 -25.48 7.18 -11.49
C CYS C 86 -25.24 7.85 -12.83
N LYS C 87 -26.28 8.44 -13.41
CA LYS C 87 -26.22 9.11 -14.71
C LYS C 87 -26.33 10.62 -14.56
N VAL C 88 -25.21 11.32 -14.71
CA VAL C 88 -25.13 12.76 -14.57
C VAL C 88 -25.36 13.48 -15.90
N SER C 89 -26.16 14.55 -15.88
CA SER C 89 -26.38 15.39 -17.06
C SER C 89 -26.30 16.90 -16.76
N ASN C 90 -25.57 17.64 -17.58
CA ASN C 90 -25.35 19.07 -17.33
C ASN C 90 -25.15 19.83 -18.62
N LYS C 91 -25.91 20.92 -18.80
CA LYS C 91 -25.88 21.63 -20.06
C LYS C 91 -24.44 21.79 -20.62
N ALA C 92 -23.44 21.79 -19.74
CA ALA C 92 -22.04 21.86 -20.20
C ALA C 92 -21.48 20.49 -20.62
N LEU C 93 -22.27 19.70 -21.35
CA LEU C 93 -21.91 18.32 -21.57
C LEU C 93 -22.63 17.77 -22.81
N PRO C 94 -21.87 17.33 -23.82
CA PRO C 94 -22.50 16.78 -25.03
C PRO C 94 -23.37 15.54 -24.77
N ALA C 95 -23.18 14.86 -23.64
CA ALA C 95 -24.01 13.70 -23.35
C ALA C 95 -23.82 13.26 -21.92
N PRO C 96 -24.85 12.62 -21.37
CA PRO C 96 -24.78 12.19 -19.96
C PRO C 96 -23.62 11.23 -19.68
N ILE C 97 -23.03 11.37 -18.49
CA ILE C 97 -21.94 10.51 -18.02
C ILE C 97 -22.46 9.42 -17.11
N GLU C 98 -22.29 8.16 -17.49
CA GLU C 98 -22.75 7.06 -16.64
C GLU C 98 -21.56 6.44 -15.90
N LYS C 99 -21.65 6.41 -14.59
CA LYS C 99 -20.62 5.84 -13.73
C LYS C 99 -21.28 4.74 -12.91
N THR C 100 -20.59 3.61 -12.72
CA THR C 100 -21.26 2.45 -12.15
C THR C 100 -20.28 1.65 -11.30
N ILE C 101 -20.57 1.56 -10.01
CA ILE C 101 -19.75 0.84 -9.04
C ILE C 101 -20.40 -0.46 -8.57
N SER C 102 -19.81 -1.09 -7.55
CA SER C 102 -20.29 -2.37 -6.98
C SER C 102 -19.14 -3.28 -6.55
N LYS C 103 -19.28 -3.93 -5.41
CA LYS C 103 -18.15 -4.66 -4.86
C LYS C 103 -17.60 -5.77 -5.78
N ALA C 104 -16.29 -5.99 -5.65
CA ALA C 104 -15.57 -7.14 -6.18
C ALA C 104 -16.40 -8.36 -6.53
N LYS C 105 -16.48 -8.69 -7.82
CA LYS C 105 -17.02 -9.99 -8.18
C LYS C 105 -15.98 -11.06 -7.76
N GLY C 106 -16.38 -11.97 -6.88
CA GLY C 106 -15.59 -13.15 -6.52
C GLY C 106 -16.23 -13.82 -5.31
N GLN C 107 -16.27 -15.16 -5.25
CA GLN C 107 -16.93 -15.83 -4.11
C GLN C 107 -16.38 -15.27 -2.80
N PRO C 108 -17.27 -14.87 -1.90
CA PRO C 108 -16.70 -14.42 -0.65
C PRO C 108 -15.91 -15.55 0.04
N ARG C 109 -14.84 -15.20 0.77
CA ARG C 109 -13.95 -16.11 1.53
C ARG C 109 -13.57 -15.61 2.94
N GLU C 110 -13.71 -16.48 3.95
CA GLU C 110 -13.43 -16.19 5.37
C GLU C 110 -12.08 -15.51 5.62
N PRO C 111 -12.04 -14.55 6.53
CA PRO C 111 -10.71 -14.13 6.94
C PRO C 111 -10.27 -15.01 8.08
N GLN C 112 -9.13 -15.68 7.92
CA GLN C 112 -8.52 -16.35 9.04
C GLN C 112 -7.73 -15.27 9.78
N VAL C 113 -7.83 -15.25 11.11
CA VAL C 113 -7.31 -14.13 11.90
C VAL C 113 -6.41 -14.56 13.07
N TYR C 114 -5.16 -14.12 13.01
CA TYR C 114 -4.15 -14.65 13.91
C TYR C 114 -3.46 -13.54 14.68
N THR C 115 -3.49 -13.67 16.00
CA THR C 115 -2.76 -12.73 16.83
C THR C 115 -1.37 -13.29 17.04
N LEU C 116 -0.41 -12.56 16.47
CA LEU C 116 1.03 -12.77 16.68
C LEU C 116 1.51 -11.83 17.78
N PRO C 117 2.23 -12.38 18.79
CA PRO C 117 2.82 -11.64 19.91
C PRO C 117 4.01 -10.74 19.49
N PRO C 118 4.75 -10.19 20.48
CA PRO C 118 5.93 -9.40 20.09
C PRO C 118 7.21 -10.26 20.14
N SER C 119 8.14 -10.08 19.22
CA SER C 119 9.29 -10.99 19.17
C SER C 119 10.01 -11.01 20.51
N ARG C 120 10.47 -12.19 20.88
CA ARG C 120 11.31 -12.31 22.07
C ARG C 120 12.26 -11.09 22.14
N ASP C 121 12.87 -10.71 21.02
CA ASP C 121 13.81 -9.58 20.96
C ASP C 121 13.14 -8.22 21.10
N GLU C 122 12.18 -8.11 22.00
CA GLU C 122 11.47 -6.85 22.11
C GLU C 122 11.08 -6.56 23.55
N LEU C 123 11.24 -7.53 24.43
CA LEU C 123 11.26 -7.22 25.84
C LEU C 123 12.29 -6.10 26.07
N THR C 124 13.40 -6.17 25.34
CA THR C 124 14.42 -5.12 25.33
C THR C 124 13.82 -3.74 25.09
N LYS C 125 13.17 -3.58 23.93
CA LYS C 125 12.61 -2.30 23.48
C LYS C 125 11.64 -1.63 24.54
N ASN C 126 11.42 -0.32 24.43
CA ASN C 126 10.57 0.39 25.38
C ASN C 126 9.06 0.18 25.13
N GLN C 127 8.64 0.35 23.88
CA GLN C 127 7.29 0.03 23.40
C GLN C 127 7.33 -1.23 22.59
N VAL C 128 6.28 -2.05 22.63
CA VAL C 128 6.32 -3.33 21.92
C VAL C 128 5.23 -3.52 20.87
N SER C 129 5.33 -4.65 20.15
CA SER C 129 4.57 -4.85 18.91
C SER C 129 3.57 -5.97 18.97
N LEU C 130 2.31 -5.61 19.15
CA LEU C 130 1.25 -6.60 19.06
C LEU C 130 0.75 -6.60 17.63
N THR C 131 0.59 -7.80 17.10
CA THR C 131 0.48 -8.03 15.67
C THR C 131 -0.81 -8.78 15.35
N CYS C 132 -1.44 -8.45 14.22
CA CYS C 132 -2.64 -9.16 13.79
C CYS C 132 -2.54 -9.52 12.30
N LEU C 133 -2.47 -10.82 12.03
CA LEU C 133 -2.47 -11.33 10.67
C LEU C 133 -3.91 -11.61 10.22
N VAL C 134 -4.33 -10.95 9.16
CA VAL C 134 -5.69 -11.11 8.71
C VAL C 134 -5.65 -11.64 7.33
N LYS C 135 -5.45 -12.94 7.17
CA LYS C 135 -5.27 -13.49 5.82
C LYS C 135 -6.43 -14.30 5.20
N GLY C 136 -6.38 -14.39 3.87
CA GLY C 136 -7.18 -15.36 3.14
C GLY C 136 -8.59 -14.92 2.94
N PHE C 137 -8.80 -13.61 2.97
CA PHE C 137 -10.15 -13.09 2.84
C PHE C 137 -10.45 -12.48 1.45
N TYR C 138 -11.75 -12.28 1.17
CA TYR C 138 -12.18 -11.74 -0.13
C TYR C 138 -13.65 -11.24 -0.12
N PRO C 139 -13.94 -10.05 -0.68
CA PRO C 139 -13.12 -9.00 -1.30
C PRO C 139 -12.15 -8.43 -0.30
N SER C 140 -11.53 -7.30 -0.63
CA SER C 140 -10.56 -6.68 0.28
C SER C 140 -11.21 -5.65 1.16
N ASP C 141 -12.43 -5.21 0.81
CA ASP C 141 -13.22 -4.34 1.70
C ASP C 141 -13.21 -4.92 3.12
N ILE C 142 -12.46 -4.31 4.03
CA ILE C 142 -12.43 -4.84 5.39
C ILE C 142 -12.31 -3.73 6.45
N ALA C 143 -12.68 -4.07 7.70
CA ALA C 143 -12.54 -3.18 8.86
C ALA C 143 -11.76 -3.87 9.98
N VAL C 144 -10.63 -3.29 10.40
CA VAL C 144 -9.85 -3.88 11.50
C VAL C 144 -9.52 -2.86 12.57
N GLU C 145 -9.94 -3.14 13.80
CA GLU C 145 -9.61 -2.27 14.93
C GLU C 145 -9.14 -3.10 16.11
N TRP C 146 -8.62 -2.40 17.13
CA TRP C 146 -7.90 -3.01 18.24
C TRP C 146 -8.45 -2.50 19.51
N GLU C 147 -8.61 -3.34 20.51
CA GLU C 147 -9.10 -2.83 21.79
C GLU C 147 -8.55 -3.59 22.97
N SER C 148 -8.73 -3.02 24.16
CA SER C 148 -8.40 -3.67 25.41
C SER C 148 -9.39 -3.32 26.55
N ASN C 149 -9.70 -4.30 27.39
CA ASN C 149 -10.67 -4.10 28.46
C ASN C 149 -11.73 -3.07 28.07
N GLY C 150 -12.63 -3.48 27.18
CA GLY C 150 -13.71 -2.60 26.75
C GLY C 150 -13.33 -1.37 25.94
N GLN C 151 -12.06 -0.96 25.97
CA GLN C 151 -11.72 0.34 25.38
C GLN C 151 -10.89 0.22 24.08
N PRO C 152 -11.04 1.20 23.18
CA PRO C 152 -10.29 1.11 21.93
C PRO C 152 -8.83 1.39 22.17
N GLU C 153 -7.96 0.53 21.67
CA GLU C 153 -6.56 0.78 21.86
C GLU C 153 -6.17 1.79 20.83
N ASN C 154 -5.32 2.70 21.29
CA ASN C 154 -5.12 3.99 20.66
C ASN C 154 -4.33 3.84 19.40
N ASN C 155 -3.03 3.72 19.60
CA ASN C 155 -2.02 3.85 18.56
C ASN C 155 -1.62 2.49 17.97
N TYR C 156 -2.21 2.18 16.82
CA TYR C 156 -1.90 0.99 16.02
C TYR C 156 -1.74 1.46 14.58
N LYS C 157 -1.41 0.54 13.68
CA LYS C 157 -1.32 0.89 12.27
C LYS C 157 -1.62 -0.35 11.41
N THR C 158 -2.49 -0.18 10.42
CA THR C 158 -2.86 -1.31 9.56
C THR C 158 -2.34 -1.17 8.11
N THR C 159 -1.56 -2.14 7.63
CA THR C 159 -1.14 -2.17 6.22
C THR C 159 -2.35 -2.22 5.28
N PRO C 160 -2.20 -1.69 4.05
CA PRO C 160 -3.15 -1.84 2.94
C PRO C 160 -3.36 -3.31 2.52
N PRO C 161 -4.54 -3.65 2.02
CA PRO C 161 -4.71 -5.06 1.67
C PRO C 161 -3.65 -5.42 0.65
N VAL C 162 -3.14 -6.65 0.65
CA VAL C 162 -2.06 -7.03 -0.28
C VAL C 162 -2.49 -8.26 -1.04
N LEU C 163 -2.48 -8.20 -2.38
CA LEU C 163 -2.99 -9.32 -3.15
C LEU C 163 -2.05 -10.51 -2.96
N ASP C 164 -2.64 -11.68 -2.76
CA ASP C 164 -1.87 -12.89 -2.46
C ASP C 164 -1.96 -13.87 -3.64
N SER C 165 -1.06 -14.85 -3.66
CA SER C 165 -0.94 -15.74 -4.82
C SER C 165 -2.15 -16.69 -5.08
N ASP C 166 -3.14 -16.73 -4.17
CA ASP C 166 -4.33 -17.59 -4.36
C ASP C 166 -5.61 -16.80 -4.70
N GLY C 167 -5.48 -15.50 -4.92
CA GLY C 167 -6.61 -14.70 -5.32
C GLY C 167 -7.16 -13.94 -4.13
N SER C 168 -6.81 -14.42 -2.93
CA SER C 168 -7.26 -13.85 -1.66
C SER C 168 -6.38 -12.68 -1.25
N PHE C 169 -6.68 -12.10 -0.10
CA PHE C 169 -6.09 -10.84 0.34
C PHE C 169 -5.61 -10.94 1.75
N PHE C 170 -4.56 -10.18 2.08
CA PHE C 170 -4.16 -10.04 3.50
C PHE C 170 -3.73 -8.63 3.90
N LEU C 171 -3.60 -8.44 5.20
CA LEU C 171 -3.11 -7.17 5.71
C LEU C 171 -2.60 -7.46 7.10
N TYR C 172 -1.80 -6.56 7.63
CA TYR C 172 -1.34 -6.72 9.00
C TYR C 172 -1.78 -5.50 9.75
N SER C 173 -1.87 -5.64 11.06
CA SER C 173 -2.11 -4.52 11.96
C SER C 173 -1.15 -4.71 13.14
N LYS C 174 -0.33 -3.71 13.43
CA LYS C 174 0.50 -3.84 14.62
C LYS C 174 0.11 -2.75 15.60
N LEU C 175 -0.29 -3.19 16.77
CA LEU C 175 -0.52 -2.26 17.84
C LEU C 175 0.83 -2.03 18.51
N THR C 176 1.12 -0.77 18.79
CA THR C 176 2.26 -0.43 19.64
C THR C 176 1.83 -0.08 21.08
N VAL C 177 2.44 -0.72 22.07
CA VAL C 177 2.09 -0.49 23.46
C VAL C 177 3.25 -0.72 24.45
N ASP C 178 3.58 0.28 25.26
CA ASP C 178 4.73 0.20 26.18
C ASP C 178 4.90 -1.12 26.96
N LYS C 179 6.07 -1.75 26.90
CA LYS C 179 6.30 -3.01 27.62
C LYS C 179 5.50 -3.04 28.90
N SER C 180 5.78 -2.09 29.77
CA SER C 180 4.99 -1.90 30.99
C SER C 180 3.55 -2.42 30.83
N ARG C 181 2.77 -1.89 29.87
CA ARG C 181 1.40 -2.37 29.67
C ARG C 181 1.43 -3.88 29.46
N TRP C 182 1.78 -4.30 28.26
CA TRP C 182 1.92 -5.70 27.90
C TRP C 182 2.30 -6.63 29.05
N GLN C 183 3.37 -6.25 29.73
CA GLN C 183 3.97 -6.97 30.84
C GLN C 183 3.02 -7.18 32.02
N GLN C 184 2.04 -6.29 32.11
CA GLN C 184 1.09 -6.24 33.21
C GLN C 184 -0.17 -7.07 32.94
N GLY C 185 -0.05 -8.09 32.09
CA GLY C 185 -1.13 -9.03 31.82
C GLY C 185 -2.34 -8.57 31.03
N ASN C 186 -2.37 -7.29 30.66
CA ASN C 186 -3.47 -6.73 29.89
C ASN C 186 -3.87 -7.59 28.67
N VAL C 187 -5.17 -7.65 28.35
CA VAL C 187 -5.59 -8.34 27.14
C VAL C 187 -6.02 -7.37 26.04
N PHE C 188 -5.35 -7.49 24.90
CA PHE C 188 -5.55 -6.63 23.74
C PHE C 188 -6.20 -7.46 22.71
N SER C 189 -7.20 -6.90 22.04
CA SER C 189 -7.83 -7.70 21.02
C SER C 189 -8.05 -6.97 19.73
N CYS C 190 -8.00 -7.83 18.72
CA CYS C 190 -8.10 -7.54 17.32
C CYS C 190 -9.52 -7.81 16.88
N SER C 191 -10.23 -6.81 16.39
CA SER C 191 -11.62 -7.00 16.01
C SER C 191 -11.70 -6.81 14.54
N VAL C 192 -11.84 -7.91 13.84
CA VAL C 192 -12.06 -7.87 12.41
C VAL C 192 -13.56 -7.99 12.12
N MET C 193 -14.09 -7.14 11.23
CA MET C 193 -15.44 -7.39 10.70
C MET C 193 -15.45 -7.38 9.16
N HIS C 194 -16.06 -8.42 8.57
CA HIS C 194 -16.09 -8.68 7.11
C HIS C 194 -17.18 -9.66 6.65
N GLU C 195 -17.88 -9.27 5.59
CA GLU C 195 -18.83 -10.12 4.84
C GLU C 195 -18.86 -11.61 5.15
N ALA C 196 -17.81 -12.34 4.74
CA ALA C 196 -17.79 -13.79 4.85
C ALA C 196 -17.53 -14.24 6.26
N LEU C 197 -17.40 -13.30 7.17
CA LEU C 197 -17.20 -13.67 8.55
C LEU C 197 -18.56 -13.96 9.20
N HIS C 198 -18.61 -14.76 10.27
CA HIS C 198 -19.90 -15.03 10.94
C HIS C 198 -20.43 -13.88 11.80
N ASN C 199 -21.56 -13.35 11.38
CA ASN C 199 -22.08 -12.12 11.90
C ASN C 199 -21.11 -11.01 11.62
N HIS C 200 -20.42 -11.15 10.48
CA HIS C 200 -19.47 -10.16 9.96
C HIS C 200 -18.48 -9.70 11.00
N TYR C 201 -18.16 -10.53 11.98
CA TYR C 201 -17.32 -10.06 13.07
C TYR C 201 -16.65 -11.18 13.80
N THR C 202 -15.37 -10.99 14.06
CA THR C 202 -14.68 -11.86 14.98
C THR C 202 -13.65 -11.03 15.73
N GLN C 203 -13.04 -11.67 16.70
CA GLN C 203 -12.15 -10.97 17.59
C GLN C 203 -11.18 -12.03 18.06
N LYS C 204 -9.88 -11.72 18.00
CA LYS C 204 -8.86 -12.62 18.52
C LYS C 204 -7.95 -11.82 19.45
N SER C 205 -7.42 -12.44 20.49
CA SER C 205 -6.81 -11.67 21.56
C SER C 205 -5.42 -12.19 21.98
N LEU C 206 -4.79 -11.45 22.88
CA LEU C 206 -3.37 -11.62 23.13
C LEU C 206 -2.99 -11.24 24.58
N SER C 207 -2.02 -11.93 25.18
CA SER C 207 -1.71 -11.73 26.60
C SER C 207 -0.35 -12.18 27.12
N LEU C 208 -0.27 -13.44 27.59
CA LEU C 208 0.98 -14.01 28.12
C LEU C 208 0.95 -15.51 28.48
N ASP D 3 -28.08 -15.22 18.16
CA ASP D 3 -26.73 -14.78 18.54
C ASP D 3 -26.28 -13.58 17.75
N CYS D 4 -25.62 -12.66 18.42
CA CYS D 4 -25.32 -11.37 17.81
C CYS D 4 -23.85 -11.01 17.96
N ALA D 5 -23.34 -10.18 17.07
CA ALA D 5 -22.05 -9.59 17.32
C ALA D 5 -22.19 -8.09 17.58
N TYR D 6 -21.43 -7.56 18.52
CA TYR D 6 -21.37 -6.12 18.74
C TYR D 6 -19.99 -5.53 18.60
N HIS D 7 -19.93 -4.26 18.28
CA HIS D 7 -18.63 -3.71 18.11
C HIS D 7 -18.47 -2.48 18.93
N GLY D 9 -19.93 -2.30 21.45
CA GLY D 9 -21.27 -2.21 21.96
C GLY D 9 -22.32 -1.87 20.93
N GLU D 10 -21.87 -1.50 19.73
CA GLU D 10 -22.78 -1.11 18.66
C GLU D 10 -23.09 -2.31 17.76
N LEU D 11 -24.29 -2.86 17.92
CA LEU D 11 -24.78 -4.01 17.14
C LEU D 11 -24.25 -4.13 15.70
N VAL D 12 -23.70 -5.30 15.39
CA VAL D 12 -23.12 -5.56 14.07
C VAL D 12 -24.02 -6.36 13.15
N TRP D 13 -24.36 -7.56 13.61
CA TRP D 13 -25.16 -8.49 12.82
C TRP D 13 -25.66 -9.61 13.69
N CYS D 14 -26.82 -10.14 13.28
CA CYS D 14 -27.55 -11.17 14.02
C CYS D 14 -27.91 -12.32 13.10
N THR D 15 -28.14 -13.50 13.67
CA THR D 15 -28.42 -14.72 12.88
C THR D 15 -28.91 -15.89 13.73
#